data_2AEY
#
_entry.id   2AEY
#
_cell.length_a   138.860
_cell.length_b   138.860
_cell.length_c   182.440
_cell.angle_alpha   90.00
_cell.angle_beta   90.00
_cell.angle_gamma   90.00
#
_symmetry.space_group_name_H-M   'P 41 21 2'
#
loop_
_entity.id
_entity.type
_entity.pdbx_description
1 polymer 'fructan 1-exohydrolase IIa'
2 branched alpha-D-mannopyranose-(1-4)-2-acetamido-2-deoxy-beta-D-glucopyranose-(1-4)-2-acetamido-2-deoxy-beta-D-glucopyranose
3 branched 2-acetamido-2-deoxy-beta-D-glucopyranose-(1-4)-2-acetamido-2-deoxy-beta-D-glucopyranose
4 non-polymer 2,5-DIDEOXY-2,5-IMINO-D-MANNITOL
5 water water
#
_entity_poly.entity_id   1
_entity_poly.type   'polypeptide(L)'
_entity_poly.pdbx_seq_one_letter_code
;QQIEQPYRTGYHFQPPSNWMNDPNGPMLYQGVYHFFYQYNPYAATFGDVIIWGHAVSYDLVNWIHLDPAIYPTQEADSKS
CWSGSATILPGNIPAMLYTGSDSKSRQVQDLAWPKNLSDPFLREWVKHPKNPLITPPEGVKDDCFRDPSTAWLGPDGVWR
IVVGGDRDNNGMAFLYQSTDFVNWKRYDQPLSSADATGTWECPDFYPVPLNSTNGLDTSVYGGSVRHVMKAGFEGHDWYT
IGTYSPDRENFLPQNGLSLTGSTLDLRYDYGQFYASKSFFDDAKNRRVLWAWVPETDSQADDIEKGWAGLQSFPRALWID
RNGKQLIQWPVEEIEELRQNQVNLQNKNLKPGSVLEIHGIAASQADVTISFKLEGLKEAEVLDTTLVDPQALCNERGASS
RGALGPFGLLAMASKDLKEQSAIFFRVFQNQLGRYSVLMCSDLSRSTVRSNIDTTSYGAFVDIDPRSEEISLRNLIDHSI
IESFGAGGKTCITSRIYPKFVNNEEAHLFVFNNGTQNVKISEMSAWSMKNAKFVVDQSVKSAA
;
_entity_poly.pdbx_strand_id   A
#
loop_
_chem_comp.id
_chem_comp.type
_chem_comp.name
_chem_comp.formula
DQQ D-saccharide 2,5-DIDEOXY-2,5-IMINO-D-MANNITOL 'C6 H13 N O4'
MAN D-saccharide, alpha linking alpha-D-mannopyranose 'C6 H12 O6'
NAG D-saccharide, beta linking 2-acetamido-2-deoxy-beta-D-glucopyranose 'C8 H15 N O6'
#
# COMPACT_ATOMS: atom_id res chain seq x y z
N GLN A 2 9.22 -32.40 1.94
CA GLN A 2 9.16 -31.27 2.93
C GLN A 2 9.69 -29.95 2.35
N ILE A 3 9.09 -28.83 2.78
CA ILE A 3 9.44 -27.48 2.32
C ILE A 3 9.72 -26.48 3.45
N GLU A 4 10.86 -25.80 3.39
CA GLU A 4 11.22 -24.83 4.42
C GLU A 4 10.94 -23.38 4.03
N GLN A 5 10.60 -22.57 5.03
CA GLN A 5 10.29 -21.16 4.82
C GLN A 5 9.18 -21.00 3.79
N PRO A 6 8.06 -21.70 4.00
CA PRO A 6 6.90 -21.68 3.11
C PRO A 6 6.14 -20.36 3.01
N TYR A 7 6.49 -19.39 3.84
CA TYR A 7 5.77 -18.12 3.80
C TYR A 7 6.51 -16.94 3.18
N ARG A 8 7.82 -17.08 2.97
CA ARG A 8 8.54 -15.97 2.36
C ARG A 8 8.07 -15.83 0.93
N THR A 9 7.95 -14.59 0.48
CA THR A 9 7.49 -14.32 -0.87
C THR A 9 8.58 -14.58 -1.91
N GLY A 10 8.16 -14.63 -3.17
CA GLY A 10 9.08 -14.87 -4.25
C GLY A 10 9.42 -13.61 -5.02
N TYR A 11 8.44 -12.73 -5.17
CA TYR A 11 8.71 -11.50 -5.89
C TYR A 11 8.35 -10.24 -5.14
N HIS A 12 8.04 -10.36 -3.85
CA HIS A 12 7.74 -9.18 -3.06
C HIS A 12 8.98 -8.84 -2.25
N PHE A 13 9.26 -7.54 -2.12
CA PHE A 13 10.43 -7.10 -1.38
C PHE A 13 10.33 -7.39 0.09
N GLN A 14 11.41 -7.90 0.68
CA GLN A 14 11.48 -8.19 2.11
C GLN A 14 12.93 -8.56 2.47
N PRO A 15 13.42 -8.03 3.60
CA PRO A 15 14.79 -8.31 4.07
C PRO A 15 15.02 -9.77 4.37
N PRO A 16 16.29 -10.19 4.28
CA PRO A 16 16.78 -11.55 4.51
C PRO A 16 16.14 -12.21 5.71
N SER A 17 15.99 -11.41 6.77
CA SER A 17 15.39 -11.87 8.01
C SER A 17 15.13 -10.68 8.93
N ASN A 18 14.42 -10.96 10.03
CA ASN A 18 14.08 -9.98 11.05
C ASN A 18 12.84 -9.15 10.77
N TRP A 19 12.66 -8.08 11.53
CA TRP A 19 11.48 -7.24 11.40
C TRP A 19 11.59 -6.03 10.50
N MET A 20 10.48 -5.73 9.83
CA MET A 20 10.42 -4.59 8.93
C MET A 20 9.02 -3.97 8.92
N ASN A 21 8.94 -2.66 8.70
CA ASN A 21 7.64 -2.00 8.60
C ASN A 21 7.67 -0.80 7.65
N ASP A 22 7.20 0.35 8.12
CA ASP A 22 7.16 1.57 7.31
C ASP A 22 8.22 1.65 6.20
N PRO A 23 7.80 1.74 4.92
CA PRO A 23 8.80 1.84 3.85
C PRO A 23 9.34 3.26 4.01
N ASN A 24 10.58 3.51 3.62
CA ASN A 24 11.16 4.86 3.80
C ASN A 24 11.86 5.51 2.63
N GLY A 25 11.89 6.84 2.69
CA GLY A 25 12.52 7.66 1.67
C GLY A 25 12.77 7.00 0.34
N PRO A 26 11.73 6.67 -0.42
CA PRO A 26 11.93 6.04 -1.71
C PRO A 26 12.30 7.16 -2.67
N MET A 27 13.08 6.84 -3.69
CA MET A 27 13.50 7.85 -4.66
C MET A 27 14.21 7.26 -5.85
N LEU A 28 14.35 8.07 -6.89
CA LEU A 28 15.08 7.65 -8.09
C LEU A 28 16.23 8.62 -8.27
N TYR A 29 17.44 8.19 -7.96
CA TYR A 29 18.61 9.04 -8.08
C TYR A 29 19.68 8.44 -8.99
N GLN A 30 20.05 9.21 -10.00
CA GLN A 30 21.05 8.79 -10.97
C GLN A 30 20.83 7.40 -11.54
N GLY A 31 19.64 7.18 -12.09
CA GLY A 31 19.32 5.90 -12.71
C GLY A 31 19.10 4.72 -11.79
N VAL A 32 19.19 4.92 -10.48
CA VAL A 32 18.98 3.83 -9.55
C VAL A 32 17.81 4.06 -8.64
N TYR A 33 17.05 3.01 -8.37
CA TYR A 33 15.91 3.12 -7.47
C TYR A 33 16.41 2.79 -6.06
N HIS A 34 16.08 3.66 -5.13
CA HIS A 34 16.47 3.48 -3.74
C HIS A 34 15.25 3.17 -2.88
N PHE A 35 15.40 2.23 -1.95
CA PHE A 35 14.32 1.90 -1.04
C PHE A 35 14.90 1.74 0.35
N PHE A 36 14.18 2.25 1.35
CA PHE A 36 14.60 2.18 2.73
C PHE A 36 13.42 1.68 3.52
N TYR A 37 13.69 1.01 4.64
CA TYR A 37 12.62 0.49 5.47
C TYR A 37 12.95 0.47 6.95
N GLN A 38 11.96 0.69 7.80
CA GLN A 38 12.19 0.65 9.25
C GLN A 38 12.65 -0.77 9.54
N TYR A 39 13.78 -0.89 10.22
CA TYR A 39 14.36 -2.19 10.51
C TYR A 39 14.82 -2.37 11.95
N ASN A 40 14.62 -3.57 12.47
CA ASN A 40 15.05 -3.93 13.82
C ASN A 40 16.12 -5.00 13.62
N PRO A 41 17.37 -4.58 13.49
CA PRO A 41 18.49 -5.48 13.29
C PRO A 41 18.69 -6.53 14.37
N TYR A 42 17.85 -6.53 15.40
CA TYR A 42 18.06 -7.50 16.47
C TYR A 42 17.05 -8.62 16.69
N ALA A 43 15.80 -8.46 16.23
CA ALA A 43 14.78 -9.49 16.41
C ALA A 43 13.74 -9.57 15.28
N ALA A 44 12.69 -10.35 15.49
CA ALA A 44 11.65 -10.47 14.48
C ALA A 44 10.41 -9.81 15.01
N THR A 45 10.61 -8.78 15.83
CA THR A 45 9.52 -8.05 16.42
C THR A 45 9.97 -6.63 16.61
N PHE A 46 9.03 -5.72 16.72
CA PHE A 46 9.39 -4.33 16.91
C PHE A 46 10.30 -4.26 18.12
N GLY A 47 11.18 -3.25 18.15
CA GLY A 47 12.13 -3.10 19.24
C GLY A 47 12.47 -1.67 19.63
N ASP A 48 13.33 -1.51 20.63
CA ASP A 48 13.68 -0.18 21.11
C ASP A 48 14.74 0.48 20.24
N VAL A 49 15.23 -0.26 19.26
CA VAL A 49 16.25 0.26 18.38
C VAL A 49 15.85 -0.02 16.95
N ILE A 50 15.54 1.05 16.20
CA ILE A 50 15.14 0.90 14.81
C ILE A 50 15.99 1.70 13.85
N ILE A 51 16.61 1.03 12.88
CA ILE A 51 17.42 1.74 11.92
C ILE A 51 16.77 1.70 10.56
N TRP A 52 17.40 2.34 9.59
CA TRP A 52 16.89 2.39 8.23
C TRP A 52 17.54 1.34 7.35
N GLY A 53 16.75 0.37 6.91
CA GLY A 53 17.28 -0.65 6.04
C GLY A 53 17.54 0.01 4.70
N HIS A 54 18.41 -0.59 3.88
CA HIS A 54 18.74 -0.01 2.58
C HIS A 54 18.87 -1.11 1.53
N ALA A 55 18.43 -0.81 0.32
CA ALA A 55 18.50 -1.77 -0.80
C ALA A 55 18.26 -1.04 -2.12
N VAL A 56 18.95 -1.47 -3.17
CA VAL A 56 18.81 -0.83 -4.47
C VAL A 56 18.31 -1.73 -5.58
N SER A 57 17.72 -1.11 -6.60
CA SER A 57 17.19 -1.84 -7.74
C SER A 57 17.26 -1.01 -9.00
N TYR A 58 17.43 -1.67 -10.14
CA TYR A 58 17.46 -0.95 -11.41
C TYR A 58 16.08 -1.02 -12.07
N ASP A 59 15.14 -1.71 -11.43
CA ASP A 59 13.79 -1.89 -11.98
C ASP A 59 12.66 -2.13 -10.97
N LEU A 60 12.88 -1.78 -9.70
CA LEU A 60 11.86 -1.96 -8.67
C LEU A 60 11.44 -3.42 -8.46
N VAL A 61 12.06 -4.35 -9.18
CA VAL A 61 11.69 -5.76 -9.02
C VAL A 61 12.77 -6.62 -8.40
N ASN A 62 13.97 -6.52 -8.98
CA ASN A 62 15.16 -7.27 -8.55
C ASN A 62 16.03 -6.35 -7.71
N TRP A 63 16.25 -6.73 -6.45
CA TRP A 63 17.01 -5.89 -5.55
C TRP A 63 18.36 -6.37 -5.06
N ILE A 64 19.05 -5.47 -4.40
CA ILE A 64 20.37 -5.72 -3.80
C ILE A 64 20.39 -5.12 -2.40
N HIS A 65 20.46 -5.97 -1.38
CA HIS A 65 20.47 -5.50 0.00
C HIS A 65 21.81 -4.87 0.33
N LEU A 66 21.78 -3.68 0.95
CA LEU A 66 23.01 -2.98 1.35
C LEU A 66 23.05 -2.85 2.87
N ASP A 67 24.15 -2.34 3.41
CA ASP A 67 24.23 -2.14 4.86
C ASP A 67 23.22 -1.06 5.21
N PRO A 68 22.70 -1.08 6.45
CA PRO A 68 21.74 -0.06 6.85
C PRO A 68 22.31 1.34 6.60
N ALA A 69 21.48 2.26 6.12
CA ALA A 69 21.91 3.60 5.79
C ALA A 69 21.93 4.56 6.94
N ILE A 70 20.74 4.91 7.41
CA ILE A 70 20.61 5.84 8.52
C ILE A 70 20.39 5.11 9.83
N TYR A 71 21.35 5.25 10.73
CA TYR A 71 21.26 4.62 12.04
C TYR A 71 21.66 5.67 13.06
N PRO A 72 21.21 5.50 14.32
CA PRO A 72 21.53 6.44 15.39
C PRO A 72 23.03 6.65 15.60
N THR A 73 23.46 7.90 15.44
CA THR A 73 24.87 8.25 15.61
C THR A 73 25.02 9.47 16.50
N GLN A 74 24.03 10.35 16.48
CA GLN A 74 24.13 11.54 17.31
C GLN A 74 22.96 11.63 18.27
N GLU A 75 23.11 12.48 19.27
CA GLU A 75 22.07 12.66 20.27
C GLU A 75 20.70 12.74 19.65
N ALA A 76 20.55 13.62 18.67
CA ALA A 76 19.26 13.81 18.02
C ALA A 76 18.53 12.54 17.58
N ASP A 77 19.17 11.39 17.71
CA ASP A 77 18.51 10.16 17.30
C ASP A 77 19.12 8.93 17.96
N SER A 78 19.60 9.11 19.17
CA SER A 78 20.25 8.04 19.90
C SER A 78 19.43 6.77 20.21
N LYS A 79 18.11 6.92 20.37
CA LYS A 79 17.26 5.78 20.70
C LYS A 79 16.79 4.98 19.49
N SER A 80 16.59 5.66 18.36
CA SER A 80 16.12 5.02 17.13
C SER A 80 16.00 6.06 16.02
N CYS A 81 16.01 5.56 14.78
CA CYS A 81 15.85 6.41 13.62
C CYS A 81 14.53 5.99 13.01
N TRP A 82 13.50 6.79 13.24
CA TRP A 82 12.20 6.44 12.72
C TRP A 82 11.94 6.98 11.32
N SER A 83 10.76 6.67 10.80
CA SER A 83 10.36 7.04 9.45
C SER A 83 10.63 8.47 8.95
N GLY A 84 10.79 8.59 7.63
CA GLY A 84 11.06 9.87 7.00
C GLY A 84 10.90 9.83 5.49
N SER A 85 11.17 10.93 4.81
CA SER A 85 11.04 11.00 3.35
C SER A 85 12.32 11.50 2.69
N ALA A 86 12.36 11.45 1.36
CA ALA A 86 13.53 11.91 0.64
C ALA A 86 13.15 12.97 -0.39
N THR A 87 14.00 13.99 -0.54
CA THR A 87 13.78 15.09 -1.48
C THR A 87 15.05 15.46 -2.24
N ILE A 88 15.05 15.37 -3.57
CA ILE A 88 16.26 15.74 -4.32
C ILE A 88 16.19 17.24 -4.60
N LEU A 89 17.07 17.97 -3.94
CA LEU A 89 17.11 19.42 -4.07
C LEU A 89 17.82 19.83 -5.33
N PRO A 90 17.59 21.07 -5.79
CA PRO A 90 18.25 21.54 -7.01
C PRO A 90 19.77 21.45 -6.80
N GLY A 91 20.45 20.79 -7.73
CA GLY A 91 21.87 20.60 -7.58
C GLY A 91 22.11 19.11 -7.57
N ASN A 92 21.02 18.37 -7.65
CA ASN A 92 21.04 16.91 -7.68
C ASN A 92 21.58 16.26 -6.41
N ILE A 93 21.23 16.84 -5.27
CA ILE A 93 21.65 16.33 -3.98
C ILE A 93 20.41 15.89 -3.19
N PRO A 94 20.30 14.58 -2.88
CA PRO A 94 19.16 14.08 -2.13
C PRO A 94 19.24 14.42 -0.64
N ALA A 95 18.13 14.89 -0.08
CA ALA A 95 18.06 15.22 1.34
C ALA A 95 17.10 14.27 2.03
N MET A 96 17.51 13.76 3.19
CA MET A 96 16.65 12.85 3.93
C MET A 96 16.21 13.50 5.21
N LEU A 97 14.89 13.63 5.39
CA LEU A 97 14.34 14.20 6.60
C LEU A 97 13.65 13.06 7.31
N TYR A 98 13.97 12.85 8.59
CA TYR A 98 13.35 11.75 9.31
C TYR A 98 13.18 12.04 10.78
N THR A 99 12.29 11.31 11.42
CA THR A 99 12.03 11.50 12.82
C THR A 99 12.93 10.68 13.69
N GLY A 100 13.57 11.32 14.66
CA GLY A 100 14.44 10.61 15.56
C GLY A 100 13.94 10.65 17.00
N SER A 101 14.42 9.70 17.80
CA SER A 101 14.06 9.60 19.21
C SER A 101 15.33 9.97 19.98
N ASP A 102 15.38 11.20 20.48
CA ASP A 102 16.56 11.67 21.19
C ASP A 102 16.70 11.16 22.62
N SER A 103 17.89 11.38 23.19
CA SER A 103 18.23 10.95 24.54
C SER A 103 17.12 11.18 25.57
N LYS A 104 16.37 12.27 25.44
CA LYS A 104 15.29 12.54 26.37
C LYS A 104 14.02 11.81 25.93
N SER A 105 14.18 10.96 24.92
CA SER A 105 13.10 10.13 24.41
C SER A 105 11.98 10.85 23.68
N ARG A 106 12.27 12.00 23.07
CA ARG A 106 11.25 12.73 22.35
C ARG A 106 11.43 12.61 20.84
N GLN A 107 10.34 12.75 20.11
CA GLN A 107 10.36 12.65 18.65
C GLN A 107 10.69 13.99 17.98
N VAL A 108 11.76 14.01 17.18
CA VAL A 108 12.19 15.23 16.49
C VAL A 108 12.52 15.00 15.01
N GLN A 109 12.68 16.08 14.27
CA GLN A 109 12.99 15.98 12.84
C GLN A 109 14.46 16.19 12.50
N ASP A 110 15.05 15.19 11.86
CA ASP A 110 16.46 15.23 11.48
C ASP A 110 16.72 15.24 9.98
N LEU A 111 17.87 15.79 9.62
CA LEU A 111 18.24 15.91 8.22
C LEU A 111 19.56 15.19 8.01
N ALA A 112 19.71 14.57 6.84
CA ALA A 112 20.92 13.86 6.49
C ALA A 112 21.02 13.78 4.97
N TRP A 113 22.21 13.49 4.45
CA TRP A 113 22.38 13.38 3.02
C TRP A 113 23.57 12.51 2.64
N PRO A 114 23.53 11.92 1.44
CA PRO A 114 24.62 11.05 1.00
C PRO A 114 25.98 11.71 1.16
N LYS A 115 26.97 10.91 1.52
CA LYS A 115 28.32 11.41 1.76
C LYS A 115 29.32 11.16 0.63
N ASN A 116 28.99 10.28 -0.31
CA ASN A 116 29.88 9.95 -1.42
C ASN A 116 29.08 9.87 -2.74
N LEU A 117 28.51 10.98 -3.17
CA LEU A 117 27.72 11.01 -4.41
C LEU A 117 28.34 10.31 -5.61
N SER A 118 29.58 9.85 -5.46
CA SER A 118 30.27 9.13 -6.53
C SER A 118 29.65 7.73 -6.60
N ASP A 119 29.31 7.23 -5.42
CA ASP A 119 28.71 5.93 -5.20
C ASP A 119 27.29 5.79 -5.73
N PRO A 120 27.08 4.90 -6.71
CA PRO A 120 25.80 4.64 -7.34
C PRO A 120 24.75 4.21 -6.35
N PHE A 121 25.20 3.58 -5.28
CA PHE A 121 24.30 3.08 -4.26
C PHE A 121 24.15 3.87 -2.95
N LEU A 122 24.73 5.06 -2.87
CA LEU A 122 24.65 5.87 -1.65
C LEU A 122 24.71 5.00 -0.40
N ARG A 123 25.81 4.26 -0.23
CA ARG A 123 25.96 3.38 0.91
C ARG A 123 26.09 4.19 2.19
N GLU A 124 27.02 5.15 2.19
CA GLU A 124 27.27 5.99 3.37
C GLU A 124 26.50 7.30 3.38
N TRP A 125 25.96 7.63 4.56
CA TRP A 125 25.20 8.86 4.79
C TRP A 125 25.71 9.67 5.99
N VAL A 126 25.50 10.98 5.95
CA VAL A 126 25.94 11.85 7.04
C VAL A 126 24.85 12.78 7.56
N LYS A 127 24.82 12.98 8.88
CA LYS A 127 23.80 13.84 9.49
C LYS A 127 24.27 15.29 9.54
N HIS A 128 23.32 16.22 9.56
CA HIS A 128 23.63 17.65 9.64
C HIS A 128 24.10 17.92 11.07
N PRO A 129 24.83 19.01 11.30
CA PRO A 129 25.26 19.22 12.69
C PRO A 129 24.22 19.86 13.61
N LYS A 130 23.32 20.66 13.06
CA LYS A 130 22.33 21.32 13.90
C LYS A 130 21.13 20.46 14.29
N ASN A 131 21.19 19.17 13.94
CA ASN A 131 20.13 18.23 14.27
C ASN A 131 19.86 18.22 15.78
N PRO A 132 18.58 18.24 16.19
CA PRO A 132 17.34 18.25 15.41
C PRO A 132 17.05 19.59 14.75
N LEU A 133 16.44 19.52 13.57
CA LEU A 133 16.09 20.71 12.79
C LEU A 133 14.73 21.23 13.20
N ILE A 134 13.90 20.35 13.73
CA ILE A 134 12.58 20.73 14.17
C ILE A 134 12.17 19.92 15.38
N THR A 135 11.57 20.60 16.34
CA THR A 135 11.11 19.97 17.56
C THR A 135 9.62 20.20 17.75
N PRO A 136 8.97 19.35 18.54
CA PRO A 136 7.54 19.46 18.80
C PRO A 136 7.15 20.90 19.02
N PRO A 137 5.98 21.29 18.49
CA PRO A 137 5.44 22.64 18.60
C PRO A 137 5.03 22.93 20.03
N GLU A 138 4.31 24.04 20.21
CA GLU A 138 3.85 24.45 21.53
C GLU A 138 3.15 23.33 22.28
N GLY A 139 1.83 23.26 22.14
CA GLY A 139 1.09 22.24 22.85
C GLY A 139 1.08 20.88 22.20
N VAL A 140 2.25 20.24 22.13
CA VAL A 140 2.35 18.92 21.51
C VAL A 140 3.23 17.96 22.32
N LYS A 141 2.72 16.76 22.59
CA LYS A 141 3.48 15.79 23.37
C LYS A 141 4.65 15.20 22.60
N ASP A 142 5.78 15.09 23.26
CA ASP A 142 7.01 14.57 22.70
C ASP A 142 6.98 13.21 22.03
N ASP A 143 5.80 12.64 21.84
CA ASP A 143 5.71 11.34 21.18
C ASP A 143 4.55 11.40 20.22
N CYS A 144 4.21 12.62 19.82
CA CYS A 144 3.12 12.87 18.89
C CYS A 144 3.57 13.88 17.84
N PHE A 145 4.70 13.62 17.22
CA PHE A 145 5.21 14.55 16.22
C PHE A 145 6.19 13.79 15.35
N ARG A 146 5.76 13.33 14.19
CA ARG A 146 6.68 12.59 13.33
C ARG A 146 6.26 12.34 11.89
N ASP A 147 7.10 11.56 11.21
CA ASP A 147 6.90 11.16 9.83
C ASP A 147 6.84 12.26 8.76
N PRO A 148 7.87 13.13 8.70
CA PRO A 148 8.00 14.24 7.76
C PRO A 148 7.89 13.77 6.32
N SER A 149 7.32 14.62 5.47
CA SER A 149 7.10 14.26 4.08
C SER A 149 8.13 14.75 3.11
N THR A 150 7.98 14.31 1.88
CA THR A 150 8.85 14.77 0.82
C THR A 150 8.45 16.24 0.67
N ALA A 151 9.45 17.11 0.57
CA ALA A 151 9.22 18.55 0.45
C ALA A 151 8.85 18.99 -0.96
N TRP A 152 8.21 20.15 -1.06
CA TRP A 152 7.84 20.69 -2.35
C TRP A 152 8.18 22.16 -2.42
N LEU A 153 8.73 22.57 -3.57
CA LEU A 153 9.15 23.95 -3.77
C LEU A 153 8.06 24.78 -4.41
N GLY A 154 7.70 25.88 -3.75
CA GLY A 154 6.68 26.78 -4.25
C GLY A 154 7.19 27.75 -5.29
N PRO A 155 6.28 28.33 -6.07
CA PRO A 155 6.67 29.28 -7.12
C PRO A 155 7.45 30.47 -6.56
N ASP A 156 7.28 30.71 -5.26
CA ASP A 156 7.94 31.81 -4.58
C ASP A 156 9.34 31.46 -4.10
N GLY A 157 9.74 30.22 -4.31
CA GLY A 157 11.07 29.78 -3.92
C GLY A 157 11.21 29.19 -2.52
N VAL A 158 10.11 29.08 -1.79
CA VAL A 158 10.15 28.52 -0.45
C VAL A 158 9.71 27.07 -0.49
N TRP A 159 10.27 26.24 0.39
CA TRP A 159 9.91 24.83 0.44
C TRP A 159 8.74 24.59 1.40
N ARG A 160 8.16 23.41 1.33
CA ARG A 160 7.03 23.03 2.19
C ARG A 160 7.07 21.54 2.50
N ILE A 161 6.84 21.19 3.76
CA ILE A 161 6.80 19.78 4.15
C ILE A 161 5.74 19.66 5.21
N VAL A 162 5.39 18.43 5.55
CA VAL A 162 4.42 18.25 6.61
C VAL A 162 4.93 17.19 7.57
N VAL A 163 4.49 17.29 8.82
CA VAL A 163 4.88 16.34 9.82
C VAL A 163 3.61 15.86 10.50
N GLY A 164 3.55 14.58 10.80
CA GLY A 164 2.35 14.05 11.43
C GLY A 164 2.30 14.38 12.90
N GLY A 165 1.27 13.86 13.57
CA GLY A 165 1.10 14.09 14.99
C GLY A 165 -0.30 14.55 15.30
N ASP A 166 -0.54 14.87 16.57
CA ASP A 166 -1.86 15.35 16.98
C ASP A 166 -1.75 16.49 17.98
N ARG A 167 -2.86 17.21 18.13
CA ARG A 167 -2.94 18.30 19.07
C ARG A 167 -4.21 18.07 19.87
N ASP A 168 -4.05 17.51 21.07
CA ASP A 168 -5.21 17.21 21.91
C ASP A 168 -6.05 16.15 21.20
N ASN A 169 -5.34 15.17 20.65
CA ASN A 169 -5.94 14.04 19.95
C ASN A 169 -6.72 14.41 18.70
N ASN A 170 -6.25 15.40 17.97
CA ASN A 170 -6.92 15.79 16.73
C ASN A 170 -5.87 15.74 15.61
N GLY A 171 -5.70 14.57 15.00
CA GLY A 171 -4.72 14.37 13.93
C GLY A 171 -4.42 15.55 13.02
N MET A 172 -3.13 15.87 12.86
CA MET A 172 -2.78 16.99 12.02
C MET A 172 -1.58 16.84 11.09
N ALA A 173 -1.56 17.73 10.11
CA ALA A 173 -0.49 17.81 9.13
C ALA A 173 0.24 19.14 9.38
N PHE A 174 1.17 19.12 10.33
CA PHE A 174 1.91 20.33 10.65
C PHE A 174 2.71 20.70 9.42
N LEU A 175 2.62 21.96 9.06
CA LEU A 175 3.31 22.47 7.90
C LEU A 175 4.41 23.41 8.30
N TYR A 176 5.60 23.16 7.78
CA TYR A 176 6.76 23.99 8.06
C TYR A 176 7.27 24.46 6.71
N GLN A 177 7.96 25.61 6.71
CA GLN A 177 8.53 26.11 5.47
C GLN A 177 9.98 26.52 5.66
N SER A 178 10.75 26.50 4.57
CA SER A 178 12.16 26.87 4.61
C SER A 178 12.69 27.23 3.22
N THR A 179 13.83 27.93 3.20
CA THR A 179 14.48 28.35 1.96
C THR A 179 15.79 27.62 1.67
N ASP A 180 16.47 27.17 2.72
CA ASP A 180 17.71 26.44 2.53
C ASP A 180 17.55 24.94 2.78
N PHE A 181 16.52 24.58 3.53
CA PHE A 181 16.21 23.19 3.87
C PHE A 181 16.87 22.81 5.18
N VAL A 182 17.37 23.81 5.89
CA VAL A 182 18.01 23.58 7.17
C VAL A 182 17.30 24.34 8.28
N ASN A 183 16.97 25.61 8.02
CA ASN A 183 16.25 26.42 9.00
C ASN A 183 14.76 26.35 8.69
N TRP A 184 13.98 25.68 9.53
CA TRP A 184 12.54 25.58 9.28
C TRP A 184 11.71 26.32 10.32
N LYS A 185 10.53 26.79 9.91
CA LYS A 185 9.63 27.51 10.82
C LYS A 185 8.18 27.03 10.71
N ARG A 186 7.61 26.50 11.81
CA ARG A 186 6.23 26.01 11.75
C ARG A 186 5.34 27.09 11.20
N TYR A 187 4.42 26.70 10.33
CA TYR A 187 3.49 27.65 9.76
C TYR A 187 2.44 27.82 10.84
N ASP A 188 1.68 28.91 10.74
CA ASP A 188 0.63 29.22 11.70
C ASP A 188 -0.49 28.16 11.86
N GLN A 189 -0.98 27.62 10.75
CA GLN A 189 -2.04 26.62 10.74
C GLN A 189 -1.51 25.29 10.19
N PRO A 190 -2.32 24.23 10.29
CA PRO A 190 -1.84 22.95 9.76
C PRO A 190 -2.26 22.92 8.30
N LEU A 191 -1.69 22.02 7.52
CA LEU A 191 -2.06 21.95 6.11
C LEU A 191 -3.48 21.43 6.05
N SER A 192 -3.76 20.45 6.90
CA SER A 192 -5.07 19.85 6.98
C SER A 192 -5.13 19.03 8.26
N SER A 193 -6.32 18.60 8.67
CA SER A 193 -6.45 17.82 9.91
C SER A 193 -7.85 17.30 10.14
N ALA A 194 -7.99 16.44 11.15
CA ALA A 194 -9.29 15.87 11.49
C ALA A 194 -9.39 15.77 13.01
N ASP A 195 -10.61 15.59 13.52
CA ASP A 195 -10.81 15.48 14.95
C ASP A 195 -10.88 14.05 15.46
N ALA A 196 -10.56 13.87 16.74
CA ALA A 196 -10.58 12.57 17.41
C ALA A 196 -10.00 11.41 16.60
N THR A 197 -8.97 11.67 15.79
CA THR A 197 -8.40 10.59 14.99
C THR A 197 -7.06 10.10 15.52
N GLY A 198 -6.46 10.86 16.41
CA GLY A 198 -5.17 10.46 16.96
C GLY A 198 -4.03 10.70 16.00
N THR A 199 -2.80 10.60 16.50
CA THR A 199 -1.61 10.82 15.69
C THR A 199 -1.77 10.42 14.22
N TRP A 200 -1.47 11.37 13.33
CA TRP A 200 -1.53 11.13 11.89
C TRP A 200 -0.14 10.66 11.50
N GLU A 201 -0.03 9.41 11.05
CA GLU A 201 1.28 8.89 10.71
C GLU A 201 1.63 8.85 9.22
N CYS A 202 2.91 9.09 8.94
CA CYS A 202 3.43 9.07 7.58
C CYS A 202 2.62 9.86 6.59
N PRO A 203 2.34 11.13 6.88
CA PRO A 203 1.56 11.99 5.99
C PRO A 203 2.15 11.89 4.59
N ASP A 204 1.39 12.29 3.59
CA ASP A 204 1.87 12.28 2.21
C ASP A 204 0.99 13.31 1.51
N PHE A 205 1.63 14.15 0.70
CA PHE A 205 0.92 15.22 0.03
C PHE A 205 1.56 15.45 -1.32
N TYR A 206 0.85 15.09 -2.38
CA TYR A 206 1.39 15.24 -3.72
C TYR A 206 0.32 15.65 -4.72
N PRO A 207 0.76 16.07 -5.91
CA PRO A 207 -0.16 16.49 -6.97
C PRO A 207 -0.41 15.40 -8.00
N VAL A 208 -1.64 15.30 -8.48
CA VAL A 208 -1.98 14.33 -9.50
C VAL A 208 -2.45 15.12 -10.72
N PRO A 209 -1.94 14.78 -11.91
CA PRO A 209 -2.31 15.47 -13.13
C PRO A 209 -3.69 15.04 -13.58
N LEU A 210 -4.57 16.01 -13.79
CA LEU A 210 -5.93 15.73 -14.25
C LEU A 210 -5.94 15.17 -15.66
N ASN A 211 -6.92 14.32 -15.95
CA ASN A 211 -7.07 13.70 -17.27
C ASN A 211 -5.71 13.31 -17.86
N SER A 212 -5.07 12.35 -17.20
CA SER A 212 -3.77 11.81 -17.57
C SER A 212 -3.68 10.51 -16.80
N THR A 213 -2.60 9.76 -16.96
CA THR A 213 -2.46 8.51 -16.20
C THR A 213 -1.04 8.36 -15.70
N ASN A 214 -0.36 9.49 -15.52
CA ASN A 214 1.02 9.48 -15.05
C ASN A 214 1.14 10.31 -13.78
N GLY A 215 2.35 10.54 -13.32
CA GLY A 215 2.53 11.33 -12.12
C GLY A 215 3.19 12.66 -12.45
N LEU A 216 3.45 13.48 -11.44
CA LEU A 216 4.08 14.77 -11.63
C LEU A 216 5.11 14.96 -10.54
N ASP A 217 6.02 15.91 -10.71
CA ASP A 217 6.98 16.14 -9.64
C ASP A 217 6.23 16.88 -8.56
N THR A 218 6.38 16.42 -7.33
CA THR A 218 5.73 17.03 -6.18
C THR A 218 5.56 18.54 -6.31
N SER A 219 6.64 19.23 -6.60
CA SER A 219 6.64 20.69 -6.70
C SER A 219 5.70 21.30 -7.74
N VAL A 220 5.04 20.47 -8.54
CA VAL A 220 4.13 20.98 -9.56
C VAL A 220 2.84 21.46 -8.92
N TYR A 221 2.20 22.42 -9.60
CA TYR A 221 0.94 23.01 -9.14
C TYR A 221 0.30 23.62 -10.38
N GLY A 222 -1.00 23.84 -10.34
CA GLY A 222 -1.68 24.41 -11.48
C GLY A 222 -3.17 24.24 -11.41
N GLY A 223 -3.86 24.71 -12.43
CA GLY A 223 -5.32 24.60 -12.46
C GLY A 223 -5.77 23.28 -13.02
N SER A 224 -4.88 22.60 -13.72
CA SER A 224 -5.18 21.30 -14.31
C SER A 224 -4.54 20.22 -13.44
N VAL A 225 -4.45 20.50 -12.15
CA VAL A 225 -3.85 19.58 -11.20
C VAL A 225 -4.62 19.58 -9.90
N ARG A 226 -4.58 18.46 -9.22
CA ARG A 226 -5.24 18.35 -7.94
C ARG A 226 -4.26 17.73 -6.94
N HIS A 227 -4.53 17.93 -5.67
CA HIS A 227 -3.67 17.40 -4.64
C HIS A 227 -4.32 16.33 -3.75
N VAL A 228 -3.53 15.31 -3.44
CA VAL A 228 -3.96 14.22 -2.60
C VAL A 228 -3.39 14.47 -1.23
N MET A 229 -4.22 14.53 -0.21
CA MET A 229 -3.74 14.72 1.15
C MET A 229 -3.95 13.36 1.79
N LYS A 230 -2.86 12.65 2.08
CA LYS A 230 -2.98 11.31 2.67
C LYS A 230 -2.46 11.22 4.09
N ALA A 231 -3.03 10.33 4.88
CA ALA A 231 -2.61 10.16 6.26
C ALA A 231 -3.06 8.85 6.87
N GLY A 232 -2.24 8.33 7.76
CA GLY A 232 -2.58 7.08 8.40
C GLY A 232 -3.09 7.32 9.80
N PHE A 233 -4.09 6.56 10.19
CA PHE A 233 -4.64 6.66 11.52
C PHE A 233 -5.76 5.66 11.72
N GLU A 234 -5.79 5.11 12.93
CA GLU A 234 -6.75 4.08 13.32
C GLU A 234 -6.35 2.79 12.58
N GLY A 235 -5.05 2.63 12.38
CA GLY A 235 -4.54 1.45 11.73
C GLY A 235 -4.72 1.37 10.22
N HIS A 236 -5.15 2.46 9.61
CA HIS A 236 -5.38 2.50 8.17
C HIS A 236 -4.86 3.78 7.50
N ASP A 237 -4.55 3.68 6.21
CA ASP A 237 -4.06 4.85 5.48
C ASP A 237 -5.19 5.42 4.62
N TRP A 238 -5.53 6.69 4.85
CA TRP A 238 -6.60 7.33 4.12
C TRP A 238 -6.12 8.49 3.27
N TYR A 239 -6.95 8.90 2.31
CA TYR A 239 -6.58 10.02 1.47
C TYR A 239 -7.81 10.78 1.04
N THR A 240 -7.59 11.93 0.45
CA THR A 240 -8.65 12.79 0.00
C THR A 240 -8.13 13.70 -1.09
N ILE A 241 -8.89 13.79 -2.18
CA ILE A 241 -8.52 14.63 -3.31
C ILE A 241 -9.04 16.04 -3.07
N GLY A 242 -8.20 17.05 -3.29
CA GLY A 242 -8.63 18.41 -3.09
C GLY A 242 -7.85 19.40 -3.94
N THR A 243 -7.97 20.69 -3.59
CA THR A 243 -7.28 21.76 -4.29
C THR A 243 -6.29 22.45 -3.36
N TYR A 244 -5.09 22.76 -3.86
CA TYR A 244 -4.06 23.41 -3.06
C TYR A 244 -3.74 24.81 -3.55
N SER A 245 -3.56 25.74 -2.61
CA SER A 245 -3.25 27.13 -2.97
C SER A 245 -2.08 27.64 -2.13
N PRO A 246 -0.87 27.44 -2.62
CA PRO A 246 0.36 27.85 -1.95
C PRO A 246 0.30 29.21 -1.25
N ASP A 247 -0.25 30.21 -1.95
CA ASP A 247 -0.34 31.59 -1.44
C ASP A 247 -0.90 31.77 -0.04
N ARG A 248 -1.64 30.78 0.45
CA ARG A 248 -2.23 30.86 1.77
C ARG A 248 -2.12 29.53 2.50
N GLU A 249 -1.38 28.60 1.89
CA GLU A 249 -1.20 27.26 2.45
C GLU A 249 -2.57 26.75 2.88
N ASN A 250 -3.48 26.69 1.92
CA ASN A 250 -4.84 26.24 2.17
C ASN A 250 -5.15 25.02 1.33
N PHE A 251 -5.73 24.00 1.96
CA PHE A 251 -6.12 22.78 1.26
C PHE A 251 -7.63 22.59 1.35
N LEU A 252 -8.32 22.69 0.22
CA LEU A 252 -9.77 22.55 0.19
C LEU A 252 -10.18 21.24 -0.45
N PRO A 253 -10.67 20.29 0.37
CA PRO A 253 -11.11 18.96 -0.07
C PRO A 253 -12.12 19.07 -1.19
N GLN A 254 -12.11 18.10 -2.09
CA GLN A 254 -13.06 18.13 -3.18
C GLN A 254 -14.49 17.84 -2.67
N ASN A 255 -14.63 16.82 -1.82
CA ASN A 255 -15.95 16.48 -1.28
C ASN A 255 -16.33 17.36 -0.09
N GLY A 256 -15.41 18.22 0.32
CA GLY A 256 -15.67 19.12 1.43
C GLY A 256 -15.80 18.47 2.80
N LEU A 257 -15.08 17.38 3.03
CA LEU A 257 -15.17 16.73 4.32
C LEU A 257 -13.81 16.59 4.97
N SER A 258 -13.78 16.63 6.30
CA SER A 258 -12.52 16.42 7.01
C SER A 258 -12.43 14.91 7.08
N LEU A 259 -11.23 14.35 7.17
CA LEU A 259 -11.15 12.91 7.23
C LEU A 259 -11.89 12.44 8.47
N THR A 260 -12.58 11.31 8.35
CA THR A 260 -13.35 10.77 9.46
C THR A 260 -13.02 9.33 9.78
N GLY A 261 -12.43 8.62 8.85
CA GLY A 261 -12.09 7.22 9.12
C GLY A 261 -13.35 6.37 9.08
N SER A 262 -14.38 6.91 8.46
CA SER A 262 -15.64 6.23 8.31
C SER A 262 -15.77 5.68 6.90
N THR A 263 -16.79 4.87 6.69
CA THR A 263 -17.03 4.29 5.37
C THR A 263 -17.45 5.38 4.42
N LEU A 264 -17.07 6.60 4.78
CA LEU A 264 -17.39 7.79 4.01
C LEU A 264 -16.17 8.24 3.23
N ASP A 265 -14.99 7.85 3.72
CA ASP A 265 -13.73 8.23 3.11
C ASP A 265 -13.11 7.17 2.21
N LEU A 266 -11.93 7.48 1.70
CA LEU A 266 -11.21 6.59 0.81
C LEU A 266 -9.87 6.09 1.33
N ARG A 267 -9.53 4.86 0.94
CA ARG A 267 -8.26 4.27 1.32
C ARG A 267 -7.61 3.83 0.03
N TYR A 268 -6.29 3.64 0.06
CA TYR A 268 -5.61 3.16 -1.13
C TYR A 268 -6.07 1.70 -1.24
N ASP A 269 -5.77 0.95 -0.19
CA ASP A 269 -6.10 -0.47 -0.13
C ASP A 269 -6.93 -0.70 1.13
N TYR A 270 -7.97 -1.54 1.01
CA TYR A 270 -8.88 -1.84 2.12
C TYR A 270 -8.55 -3.07 2.95
N GLY A 271 -7.34 -3.59 2.78
CA GLY A 271 -6.92 -4.77 3.52
C GLY A 271 -5.72 -4.40 4.36
N GLN A 272 -4.74 -5.29 4.41
CA GLN A 272 -3.51 -5.04 5.17
C GLN A 272 -2.56 -4.18 4.31
N PHE A 273 -2.49 -2.90 4.65
CA PHE A 273 -1.72 -1.94 3.88
C PHE A 273 -1.55 -0.76 4.83
N TYR A 274 -0.31 -0.43 5.20
CA TYR A 274 -0.09 0.71 6.11
C TYR A 274 1.26 1.42 6.00
N ALA A 275 1.26 2.69 6.37
CA ALA A 275 2.46 3.53 6.38
C ALA A 275 2.99 3.75 4.98
N SER A 276 2.08 3.84 4.02
CA SER A 276 2.45 4.03 2.64
C SER A 276 3.09 5.39 2.33
N LYS A 277 3.96 5.38 1.33
CA LYS A 277 4.64 6.58 0.88
C LYS A 277 4.84 6.50 -0.64
N SER A 278 4.64 7.61 -1.32
CA SER A 278 4.80 7.66 -2.76
C SER A 278 6.04 8.45 -3.12
N PHE A 279 6.42 8.43 -4.39
CA PHE A 279 7.60 9.18 -4.86
C PHE A 279 7.53 9.36 -6.37
N PHE A 280 8.21 10.38 -6.89
CA PHE A 280 8.19 10.62 -8.33
C PHE A 280 9.34 10.05 -9.13
N ASP A 281 8.97 9.23 -10.11
CA ASP A 281 9.90 8.56 -11.04
C ASP A 281 9.97 9.39 -12.33
N ASP A 282 10.91 10.34 -12.40
CA ASP A 282 10.98 11.19 -13.58
C ASP A 282 11.51 10.49 -14.82
N ALA A 283 11.91 9.23 -14.67
CA ALA A 283 12.42 8.48 -15.81
C ALA A 283 11.27 7.91 -16.60
N LYS A 284 10.26 7.43 -15.89
CA LYS A 284 9.09 6.86 -16.52
C LYS A 284 7.83 7.71 -16.34
N ASN A 285 7.98 8.90 -15.76
CA ASN A 285 6.84 9.79 -15.52
C ASN A 285 5.66 9.04 -14.89
N ARG A 286 5.87 8.57 -13.67
CA ARG A 286 4.86 7.84 -12.92
C ARG A 286 5.11 8.04 -11.45
N ARG A 287 4.07 8.02 -10.63
CA ARG A 287 4.24 8.17 -9.19
C ARG A 287 4.16 6.77 -8.61
N VAL A 288 5.18 6.35 -7.88
CA VAL A 288 5.17 5.01 -7.32
C VAL A 288 4.74 4.97 -5.87
N LEU A 289 4.09 3.89 -5.48
CA LEU A 289 3.59 3.76 -4.12
C LEU A 289 4.01 2.52 -3.34
N TRP A 290 4.84 2.75 -2.33
CA TRP A 290 5.31 1.66 -1.48
C TRP A 290 4.38 1.64 -0.28
N ALA A 291 4.18 0.47 0.32
CA ALA A 291 3.32 0.37 1.49
C ALA A 291 3.65 -0.87 2.28
N TRP A 292 3.58 -0.75 3.60
CA TRP A 292 3.89 -1.85 4.48
C TRP A 292 2.74 -2.84 4.66
N VAL A 293 3.06 -4.13 4.57
CA VAL A 293 2.05 -5.16 4.78
C VAL A 293 2.49 -5.94 6.01
N PRO A 294 1.83 -5.71 7.15
CA PRO A 294 2.14 -6.38 8.41
C PRO A 294 1.75 -7.84 8.36
N GLU A 295 2.24 -8.59 9.35
CA GLU A 295 1.94 -10.01 9.45
C GLU A 295 0.58 -10.16 10.13
N THR A 296 -0.04 -11.33 9.98
CA THR A 296 -1.29 -11.56 10.66
C THR A 296 -1.19 -12.79 11.55
N ASP A 297 -0.06 -13.48 11.49
CA ASP A 297 0.13 -14.65 12.33
C ASP A 297 0.67 -14.23 13.71
N SER A 298 0.52 -15.13 14.67
CA SER A 298 0.94 -14.92 16.06
C SER A 298 2.35 -14.39 16.24
N GLN A 299 2.55 -13.51 17.22
CA GLN A 299 3.90 -12.99 17.43
C GLN A 299 4.83 -14.19 17.61
N ALA A 300 4.35 -15.16 18.39
CA ALA A 300 5.10 -16.36 18.63
C ALA A 300 5.58 -16.90 17.28
N ASP A 301 4.66 -16.98 16.32
CA ASP A 301 4.97 -17.47 14.98
C ASP A 301 6.08 -16.66 14.30
N ASP A 302 6.04 -15.34 14.45
CA ASP A 302 7.03 -14.49 13.84
C ASP A 302 8.45 -14.79 14.33
N ILE A 303 8.57 -14.98 15.64
CA ILE A 303 9.86 -15.28 16.26
C ILE A 303 10.39 -16.63 15.82
N GLU A 304 9.47 -17.53 15.49
CA GLU A 304 9.82 -18.87 15.04
C GLU A 304 10.39 -18.78 13.62
N LYS A 305 9.58 -18.28 12.68
CA LYS A 305 10.06 -18.16 11.31
C LYS A 305 11.22 -17.18 11.30
N GLY A 306 11.18 -16.26 12.24
CA GLY A 306 12.25 -15.28 12.38
C GLY A 306 12.23 -14.12 11.42
N TRP A 307 11.05 -13.57 11.18
CA TRP A 307 10.93 -12.43 10.30
C TRP A 307 9.48 -11.98 10.25
N ALA A 308 9.30 -10.67 10.09
CA ALA A 308 7.99 -10.07 10.02
C ALA A 308 8.00 -8.89 9.07
N GLY A 309 6.88 -8.70 8.40
CA GLY A 309 6.76 -7.60 7.47
C GLY A 309 7.15 -7.88 6.03
N LEU A 310 6.33 -7.38 5.12
CA LEU A 310 6.55 -7.49 3.67
C LEU A 310 6.16 -6.14 3.12
N GLN A 311 6.67 -5.80 1.95
CA GLN A 311 6.29 -4.53 1.33
C GLN A 311 5.32 -4.89 0.21
N SER A 312 4.33 -4.04 -0.04
CA SER A 312 3.42 -4.33 -1.13
C SER A 312 4.30 -4.33 -2.38
N PHE A 313 3.81 -4.85 -3.50
CA PHE A 313 4.61 -4.78 -4.71
C PHE A 313 4.35 -3.35 -5.16
N PRO A 314 5.41 -2.59 -5.48
CA PRO A 314 5.26 -1.20 -5.91
C PRO A 314 4.21 -0.99 -6.99
N ARG A 315 3.27 -0.09 -6.72
CA ARG A 315 2.19 0.19 -7.64
C ARG A 315 2.24 1.62 -8.17
N ALA A 316 1.77 1.80 -9.39
CA ALA A 316 1.73 3.11 -10.03
C ALA A 316 0.44 3.81 -9.60
N LEU A 317 0.54 5.09 -9.29
CA LEU A 317 -0.59 5.88 -8.81
C LEU A 317 -1.03 7.00 -9.75
N TRP A 318 -2.34 7.22 -9.84
CA TRP A 318 -2.88 8.29 -10.67
C TRP A 318 -4.37 8.48 -10.40
N ILE A 319 -4.88 9.68 -10.64
CA ILE A 319 -6.29 9.97 -10.40
C ILE A 319 -7.14 9.44 -11.55
N ASP A 320 -8.37 9.01 -11.24
CA ASP A 320 -9.27 8.45 -12.25
C ASP A 320 -9.71 9.43 -13.32
N ARG A 321 -10.33 8.89 -14.36
CA ARG A 321 -10.84 9.66 -15.49
C ARG A 321 -11.82 10.72 -14.98
N ASN A 322 -12.68 10.31 -14.04
CA ASN A 322 -13.69 11.20 -13.48
C ASN A 322 -13.17 12.09 -12.35
N GLY A 323 -11.93 11.84 -11.94
CA GLY A 323 -11.32 12.63 -10.88
C GLY A 323 -11.90 12.65 -9.47
N LYS A 324 -12.50 11.55 -9.03
CA LYS A 324 -13.07 11.54 -7.70
C LYS A 324 -12.37 10.54 -6.79
N GLN A 325 -11.52 9.69 -7.38
CA GLN A 325 -10.77 8.68 -6.62
C GLN A 325 -9.44 8.36 -7.31
N LEU A 326 -8.58 7.63 -6.64
CA LEU A 326 -7.28 7.27 -7.19
C LEU A 326 -7.23 5.84 -7.72
N ILE A 327 -6.37 5.60 -8.70
CA ILE A 327 -6.22 4.27 -9.27
C ILE A 327 -4.80 3.77 -8.98
N GLN A 328 -4.63 2.45 -8.84
CA GLN A 328 -3.30 1.91 -8.58
C GLN A 328 -3.10 0.67 -9.45
N TRP A 329 -1.85 0.37 -9.80
CA TRP A 329 -1.59 -0.79 -10.64
C TRP A 329 -0.15 -1.21 -10.55
N PRO A 330 0.12 -2.51 -10.38
CA PRO A 330 1.53 -2.89 -10.29
C PRO A 330 2.31 -2.39 -11.51
N VAL A 331 3.51 -1.87 -11.26
CA VAL A 331 4.38 -1.32 -12.31
C VAL A 331 4.72 -2.35 -13.39
N GLU A 332 4.76 -1.91 -14.64
CA GLU A 332 5.03 -2.82 -15.75
C GLU A 332 6.22 -3.74 -15.56
N GLU A 333 7.23 -3.30 -14.81
CA GLU A 333 8.40 -4.16 -14.60
C GLU A 333 8.04 -5.54 -14.10
N ILE A 334 6.91 -5.66 -13.41
CA ILE A 334 6.50 -6.94 -12.88
C ILE A 334 6.27 -7.92 -13.99
N GLU A 335 5.80 -7.40 -15.12
CA GLU A 335 5.51 -8.26 -16.26
C GLU A 335 6.69 -9.14 -16.64
N GLU A 336 7.90 -8.62 -16.55
CA GLU A 336 9.07 -9.40 -16.93
C GLU A 336 9.27 -10.66 -16.12
N LEU A 337 8.49 -10.83 -15.05
CA LEU A 337 8.61 -12.02 -14.22
C LEU A 337 7.76 -13.16 -14.76
N ARG A 338 6.81 -12.82 -15.62
CA ARG A 338 5.90 -13.80 -16.20
C ARG A 338 6.59 -14.85 -17.04
N GLN A 339 6.27 -16.11 -16.76
CA GLN A 339 6.84 -17.22 -17.50
C GLN A 339 5.82 -17.74 -18.50
N ASN A 340 5.24 -18.91 -18.22
CA ASN A 340 4.24 -19.48 -19.14
C ASN A 340 2.84 -18.99 -18.84
N GLN A 341 1.94 -19.14 -19.80
CA GLN A 341 0.59 -18.63 -19.63
C GLN A 341 -0.50 -19.68 -19.84
N VAL A 342 -1.69 -19.37 -19.33
CA VAL A 342 -2.86 -20.24 -19.46
C VAL A 342 -4.06 -19.33 -19.61
N ASN A 343 -4.77 -19.50 -20.73
CA ASN A 343 -5.93 -18.67 -21.03
C ASN A 343 -7.25 -19.41 -20.93
N LEU A 344 -8.32 -18.64 -21.06
CA LEU A 344 -9.67 -19.15 -21.03
C LEU A 344 -10.50 -18.05 -21.63
N GLN A 345 -11.43 -18.41 -22.50
CA GLN A 345 -12.29 -17.42 -23.12
C GLN A 345 -13.67 -18.00 -23.33
N ASN A 346 -14.68 -17.17 -23.09
CA ASN A 346 -16.04 -17.61 -23.30
C ASN A 346 -16.32 -18.92 -22.56
N LYS A 347 -16.24 -18.88 -21.23
CA LYS A 347 -16.51 -20.07 -20.42
C LYS A 347 -17.55 -19.78 -19.35
N ASN A 348 -18.69 -20.45 -19.44
CA ASN A 348 -19.76 -20.26 -18.46
C ASN A 348 -19.45 -21.00 -17.19
N LEU A 349 -19.77 -20.39 -16.05
CA LEU A 349 -19.56 -21.05 -14.78
C LEU A 349 -20.94 -21.30 -14.19
N LYS A 350 -21.50 -22.48 -14.47
CA LYS A 350 -22.83 -22.81 -13.99
C LYS A 350 -22.95 -22.70 -12.49
N PRO A 351 -24.14 -22.32 -12.01
CA PRO A 351 -24.43 -22.17 -10.58
C PRO A 351 -23.80 -23.22 -9.68
N GLY A 352 -23.05 -22.74 -8.70
CA GLY A 352 -22.38 -23.60 -7.74
C GLY A 352 -21.27 -24.47 -8.30
N SER A 353 -20.50 -23.93 -9.24
CA SER A 353 -19.43 -24.70 -9.84
C SER A 353 -18.05 -24.24 -9.41
N VAL A 354 -17.05 -25.05 -9.71
CA VAL A 354 -15.66 -24.76 -9.37
C VAL A 354 -14.76 -25.26 -10.50
N LEU A 355 -14.17 -24.33 -11.25
CA LEU A 355 -13.30 -24.70 -12.35
C LEU A 355 -11.84 -24.48 -11.97
N GLU A 356 -11.02 -25.51 -12.11
CA GLU A 356 -9.61 -25.37 -11.75
C GLU A 356 -8.71 -24.90 -12.89
N ILE A 357 -7.79 -24.00 -12.58
CA ILE A 357 -6.84 -23.54 -13.58
C ILE A 357 -5.69 -24.54 -13.51
N HIS A 358 -5.33 -25.15 -14.64
CA HIS A 358 -4.26 -26.14 -14.65
C HIS A 358 -2.94 -25.66 -15.21
N GLY A 359 -1.83 -26.23 -14.75
CA GLY A 359 -0.53 -25.85 -15.28
C GLY A 359 0.18 -24.61 -14.77
N ILE A 360 -0.49 -23.80 -13.97
CA ILE A 360 0.15 -22.60 -13.43
C ILE A 360 0.89 -22.94 -12.14
N ALA A 361 1.79 -22.04 -11.75
CA ALA A 361 2.58 -22.17 -10.53
C ALA A 361 1.78 -21.67 -9.33
N ALA A 362 0.50 -22.00 -9.34
CA ALA A 362 -0.48 -21.65 -8.30
C ALA A 362 -0.10 -20.83 -7.07
N SER A 363 1.09 -21.08 -6.52
CA SER A 363 1.51 -20.41 -5.30
C SER A 363 2.30 -19.12 -5.52
N GLN A 364 2.59 -18.83 -6.78
CA GLN A 364 3.37 -17.63 -7.13
C GLN A 364 3.01 -17.28 -8.58
N ALA A 365 1.89 -16.57 -8.74
CA ALA A 365 1.42 -16.20 -10.06
C ALA A 365 0.68 -14.88 -10.13
N ASP A 366 0.33 -14.50 -11.36
CA ASP A 366 -0.40 -13.27 -11.64
C ASP A 366 -1.67 -13.70 -12.39
N VAL A 367 -2.84 -13.49 -11.80
CA VAL A 367 -4.07 -13.93 -12.45
C VAL A 367 -5.12 -12.86 -12.70
N THR A 368 -5.45 -12.67 -13.98
CA THR A 368 -6.47 -11.70 -14.39
C THR A 368 -7.68 -12.48 -14.83
N ILE A 369 -8.86 -12.00 -14.49
CA ILE A 369 -10.07 -12.69 -14.90
C ILE A 369 -11.15 -11.67 -15.10
N SER A 370 -11.98 -11.88 -16.12
CA SER A 370 -13.03 -10.92 -16.42
C SER A 370 -14.36 -11.60 -16.64
N PHE A 371 -15.36 -11.20 -15.86
CA PHE A 371 -16.69 -11.79 -15.96
C PHE A 371 -17.63 -10.99 -16.83
N LYS A 372 -18.51 -11.71 -17.56
CA LYS A 372 -19.51 -11.09 -18.41
C LYS A 372 -20.85 -11.45 -17.82
N LEU A 373 -21.52 -10.45 -17.25
CA LEU A 373 -22.80 -10.66 -16.60
C LEU A 373 -23.98 -10.55 -17.54
N GLU A 374 -24.96 -11.41 -17.32
CA GLU A 374 -26.18 -11.43 -18.10
C GLU A 374 -27.32 -11.77 -17.16
N GLY A 375 -28.37 -10.95 -17.22
CA GLY A 375 -29.50 -11.16 -16.34
C GLY A 375 -29.27 -10.45 -15.03
N LEU A 376 -29.10 -9.13 -15.08
CA LEU A 376 -28.89 -8.32 -13.90
C LEU A 376 -30.18 -8.12 -13.14
N LYS A 377 -31.28 -8.00 -13.88
CA LYS A 377 -32.56 -7.78 -13.25
C LYS A 377 -32.75 -8.72 -12.06
N GLU A 378 -32.02 -9.83 -12.04
CA GLU A 378 -32.13 -10.80 -10.96
C GLU A 378 -31.31 -10.49 -9.70
N ALA A 379 -30.58 -9.39 -9.73
CA ALA A 379 -29.75 -8.96 -8.61
C ALA A 379 -30.54 -8.89 -7.33
N GLU A 380 -29.91 -9.29 -6.22
CA GLU A 380 -30.55 -9.23 -4.92
C GLU A 380 -30.93 -7.78 -4.66
N VAL A 381 -31.81 -7.53 -3.70
CA VAL A 381 -32.20 -6.17 -3.42
C VAL A 381 -31.62 -5.68 -2.11
N LEU A 382 -30.67 -4.77 -2.20
CA LEU A 382 -30.03 -4.26 -1.01
C LEU A 382 -29.43 -2.88 -1.19
N ASP A 383 -30.14 -1.87 -0.72
CA ASP A 383 -29.64 -0.51 -0.82
C ASP A 383 -28.34 -0.50 -0.03
N THR A 384 -27.28 0.04 -0.60
CA THR A 384 -25.98 0.05 0.06
C THR A 384 -25.45 1.40 0.51
N THR A 385 -26.33 2.41 0.57
CA THR A 385 -25.88 3.74 0.94
C THR A 385 -25.10 3.85 2.23
N LEU A 386 -25.44 3.06 3.24
CA LEU A 386 -24.75 3.12 4.52
C LEU A 386 -24.07 1.83 4.96
N VAL A 387 -24.23 0.80 4.15
CA VAL A 387 -23.65 -0.50 4.47
C VAL A 387 -22.14 -0.50 4.46
N ASP A 388 -21.56 -1.10 5.49
CA ASP A 388 -20.10 -1.22 5.61
C ASP A 388 -19.64 -2.56 5.05
N PRO A 389 -19.06 -2.52 3.84
CA PRO A 389 -18.55 -3.70 3.15
C PRO A 389 -17.76 -4.70 3.98
N GLN A 390 -16.92 -4.24 4.91
CA GLN A 390 -16.18 -5.20 5.70
C GLN A 390 -17.15 -6.09 6.46
N ALA A 391 -18.20 -5.49 7.01
CA ALA A 391 -19.18 -6.25 7.74
C ALA A 391 -19.84 -7.22 6.79
N LEU A 392 -20.22 -6.73 5.61
CA LEU A 392 -20.90 -7.56 4.63
C LEU A 392 -20.06 -8.75 4.12
N CYS A 393 -18.77 -8.58 3.82
CA CYS A 393 -18.00 -9.73 3.36
C CYS A 393 -17.77 -10.68 4.52
N ASN A 394 -17.72 -10.13 5.73
CA ASN A 394 -17.48 -10.96 6.89
C ASN A 394 -18.70 -11.70 7.35
N GLU A 395 -19.86 -11.26 6.88
CA GLU A 395 -21.09 -11.91 7.26
C GLU A 395 -21.46 -12.86 6.14
N ARG A 396 -21.25 -12.41 4.91
CA ARG A 396 -21.55 -13.22 3.75
C ARG A 396 -20.31 -13.64 3.03
N GLY A 397 -19.70 -14.73 3.48
CA GLY A 397 -18.48 -15.20 2.86
C GLY A 397 -18.73 -16.01 1.60
N ALA A 398 -17.68 -16.70 1.16
CA ALA A 398 -17.72 -17.52 -0.05
C ALA A 398 -18.81 -18.57 -0.03
N SER A 399 -19.18 -19.01 1.16
CA SER A 399 -20.21 -20.03 1.27
C SER A 399 -21.62 -19.47 1.37
N SER A 400 -21.75 -18.15 1.31
CA SER A 400 -23.09 -17.54 1.38
C SER A 400 -23.59 -17.31 -0.04
N ARG A 401 -24.48 -18.18 -0.52
CA ARG A 401 -24.96 -18.08 -1.90
C ARG A 401 -25.98 -16.97 -2.16
N GLY A 402 -25.83 -16.30 -3.30
CA GLY A 402 -26.75 -15.22 -3.65
C GLY A 402 -27.21 -15.31 -5.08
N ALA A 403 -27.72 -14.21 -5.63
CA ALA A 403 -28.17 -14.20 -7.01
C ALA A 403 -26.89 -14.07 -7.84
N LEU A 404 -26.34 -12.87 -7.92
CA LEU A 404 -25.10 -12.64 -8.64
C LEU A 404 -23.99 -12.63 -7.60
N GLY A 405 -23.15 -13.64 -7.66
CA GLY A 405 -22.08 -13.73 -6.69
C GLY A 405 -22.60 -14.61 -5.58
N PRO A 406 -21.71 -15.15 -4.74
CA PRO A 406 -20.28 -14.92 -4.83
C PRO A 406 -19.65 -15.61 -6.03
N PHE A 407 -18.99 -14.86 -6.89
CA PHE A 407 -18.32 -15.48 -8.01
C PHE A 407 -16.93 -14.86 -8.11
N GLY A 408 -15.92 -15.70 -8.28
CA GLY A 408 -14.58 -15.17 -8.36
C GLY A 408 -13.45 -16.18 -8.39
N LEU A 409 -12.43 -15.94 -7.58
CA LEU A 409 -11.27 -16.79 -7.58
C LEU A 409 -10.90 -17.43 -6.24
N LEU A 410 -10.43 -18.67 -6.31
CA LEU A 410 -9.99 -19.36 -5.12
C LEU A 410 -8.48 -19.46 -5.22
N ALA A 411 -7.77 -18.68 -4.42
CA ALA A 411 -6.31 -18.66 -4.45
C ALA A 411 -5.73 -19.31 -3.20
N MET A 412 -4.44 -19.65 -3.26
CA MET A 412 -3.76 -20.29 -2.14
C MET A 412 -4.67 -21.32 -1.52
N ALA A 413 -5.18 -22.22 -2.37
CA ALA A 413 -6.12 -23.25 -1.94
C ALA A 413 -5.53 -24.65 -1.98
N SER A 414 -5.98 -25.51 -1.08
CA SER A 414 -5.51 -26.89 -1.02
C SER A 414 -6.22 -27.70 -2.09
N LYS A 415 -5.73 -28.91 -2.36
CA LYS A 415 -6.36 -29.73 -3.38
C LYS A 415 -7.77 -30.13 -2.97
N ASP A 416 -7.98 -30.32 -1.68
CA ASP A 416 -9.31 -30.72 -1.20
C ASP A 416 -10.14 -29.53 -0.77
N LEU A 417 -9.72 -28.34 -1.18
CA LEU A 417 -10.44 -27.13 -0.85
C LEU A 417 -10.76 -27.03 0.64
N LYS A 418 -9.99 -27.74 1.47
CA LYS A 418 -10.23 -27.70 2.91
C LYS A 418 -9.78 -26.33 3.41
N GLU A 419 -8.75 -25.80 2.77
CA GLU A 419 -8.18 -24.47 3.05
C GLU A 419 -8.26 -23.71 1.74
N GLN A 420 -8.75 -22.47 1.77
CA GLN A 420 -8.85 -21.67 0.55
C GLN A 420 -8.98 -20.19 0.87
N SER A 421 -8.54 -19.36 -0.06
CA SER A 421 -8.65 -17.91 0.07
C SER A 421 -9.47 -17.46 -1.14
N ALA A 422 -10.64 -16.90 -0.88
CA ALA A 422 -11.53 -16.48 -1.94
C ALA A 422 -11.71 -14.99 -2.16
N ILE A 423 -11.40 -14.56 -3.39
CA ILE A 423 -11.53 -13.17 -3.82
C ILE A 423 -12.68 -13.21 -4.82
N PHE A 424 -13.76 -12.51 -4.52
CA PHE A 424 -14.92 -12.54 -5.40
C PHE A 424 -15.76 -11.28 -5.41
N PHE A 425 -16.87 -11.35 -6.12
CA PHE A 425 -17.79 -10.22 -6.25
C PHE A 425 -19.24 -10.59 -5.90
N ARG A 426 -20.07 -9.57 -5.82
CA ARG A 426 -21.50 -9.72 -5.56
C ARG A 426 -22.11 -8.49 -6.18
N VAL A 427 -23.22 -8.65 -6.89
CA VAL A 427 -23.86 -7.49 -7.50
C VAL A 427 -25.21 -7.31 -6.85
N PHE A 428 -25.49 -6.10 -6.38
CA PHE A 428 -26.75 -5.79 -5.74
C PHE A 428 -27.46 -4.68 -6.48
N GLN A 429 -28.74 -4.51 -6.14
CA GLN A 429 -29.57 -3.46 -6.75
C GLN A 429 -30.45 -2.77 -5.70
N ASN A 430 -30.61 -1.47 -5.83
CA ASN A 430 -31.43 -0.70 -4.91
C ASN A 430 -32.85 -0.55 -5.46
N GLN A 431 -33.79 -0.26 -4.58
CA GLN A 431 -35.18 -0.13 -4.97
C GLN A 431 -35.39 0.62 -6.29
N LEU A 432 -34.64 1.70 -6.53
CA LEU A 432 -34.80 2.46 -7.77
C LEU A 432 -34.25 1.75 -9.02
N GLY A 433 -33.50 0.67 -8.83
CA GLY A 433 -32.98 -0.05 -9.97
C GLY A 433 -31.53 0.16 -10.35
N ARG A 434 -30.82 1.06 -9.66
CA ARG A 434 -29.40 1.27 -9.99
C ARG A 434 -28.60 0.20 -9.24
N TYR A 435 -27.50 -0.27 -9.82
CA TYR A 435 -26.71 -1.35 -9.23
C TYR A 435 -25.47 -0.97 -8.44
N SER A 436 -24.97 -1.94 -7.68
CA SER A 436 -23.75 -1.77 -6.88
C SER A 436 -22.97 -3.08 -6.87
N VAL A 437 -21.64 -2.97 -6.83
CA VAL A 437 -20.77 -4.14 -6.83
C VAL A 437 -19.93 -4.15 -5.57
N LEU A 438 -19.82 -5.32 -4.95
CA LEU A 438 -19.03 -5.46 -3.74
C LEU A 438 -17.90 -6.43 -4.04
N MET A 439 -16.68 -6.11 -3.58
CA MET A 439 -15.51 -6.96 -3.78
C MET A 439 -15.12 -7.56 -2.44
N CYS A 440 -14.83 -8.85 -2.41
CA CYS A 440 -14.49 -9.50 -1.15
C CYS A 440 -13.21 -10.31 -1.13
N SER A 441 -12.64 -10.45 0.05
CA SER A 441 -11.45 -11.27 0.26
C SER A 441 -11.82 -12.13 1.45
N ASP A 442 -12.47 -13.26 1.19
CA ASP A 442 -12.92 -14.16 2.24
C ASP A 442 -11.86 -15.07 2.81
N LEU A 443 -11.17 -14.56 3.82
CA LEU A 443 -10.10 -15.29 4.47
C LEU A 443 -10.55 -16.21 5.58
N SER A 444 -11.86 -16.27 5.83
CA SER A 444 -12.38 -17.12 6.90
C SER A 444 -11.91 -18.58 6.84
N ARG A 445 -11.66 -19.10 5.65
CA ARG A 445 -11.20 -20.48 5.52
C ARG A 445 -9.81 -20.55 4.91
N SER A 446 -9.08 -19.46 5.00
CA SER A 446 -7.74 -19.40 4.42
C SER A 446 -6.77 -20.37 5.05
N THR A 447 -6.90 -20.58 6.36
CA THR A 447 -5.99 -21.48 7.07
C THR A 447 -6.68 -22.20 8.21
N VAL A 448 -6.27 -23.43 8.46
CA VAL A 448 -6.86 -24.19 9.56
C VAL A 448 -6.05 -23.95 10.85
N ARG A 449 -4.88 -23.35 10.72
CA ARG A 449 -4.04 -23.06 11.88
C ARG A 449 -4.76 -22.18 12.91
N SER A 450 -4.38 -22.34 14.17
CA SER A 450 -4.98 -21.57 15.25
C SER A 450 -4.13 -20.35 15.54
N ASN A 451 -4.78 -19.29 16.02
CA ASN A 451 -4.11 -18.04 16.37
C ASN A 451 -3.76 -17.13 15.20
N ILE A 452 -4.46 -17.31 14.07
CA ILE A 452 -4.21 -16.49 12.90
C ILE A 452 -5.39 -15.54 12.69
N ASP A 453 -5.10 -14.28 12.38
CA ASP A 453 -6.15 -13.29 12.16
C ASP A 453 -6.66 -13.52 10.77
N THR A 454 -7.85 -14.09 10.69
CA THR A 454 -8.44 -14.41 9.43
C THR A 454 -9.64 -13.53 9.12
N THR A 455 -9.59 -12.31 9.64
CA THR A 455 -10.68 -11.38 9.37
C THR A 455 -10.71 -11.19 7.86
N SER A 456 -11.88 -10.92 7.32
CA SER A 456 -12.01 -10.71 5.88
C SER A 456 -12.05 -9.22 5.56
N TYR A 457 -11.75 -8.88 4.31
CA TYR A 457 -11.74 -7.49 3.90
C TYR A 457 -12.66 -7.30 2.71
N GLY A 458 -13.27 -6.12 2.60
CA GLY A 458 -14.16 -5.86 1.49
C GLY A 458 -14.32 -4.39 1.19
N ALA A 459 -14.78 -4.09 -0.01
CA ALA A 459 -14.99 -2.71 -0.42
C ALA A 459 -15.90 -2.67 -1.63
N PHE A 460 -16.61 -1.56 -1.80
CA PHE A 460 -17.51 -1.45 -2.94
C PHE A 460 -16.75 -0.90 -4.12
N VAL A 461 -16.99 -1.51 -5.28
CA VAL A 461 -16.33 -1.10 -6.51
C VAL A 461 -17.20 -0.12 -7.28
N ASP A 462 -16.60 0.98 -7.70
CA ASP A 462 -17.32 2.04 -8.40
C ASP A 462 -17.33 1.93 -9.93
N ILE A 463 -18.17 1.04 -10.44
CA ILE A 463 -18.34 0.82 -11.89
C ILE A 463 -19.81 0.55 -12.18
N ASP A 464 -20.17 0.43 -13.46
CA ASP A 464 -21.57 0.17 -13.83
C ASP A 464 -21.73 -1.21 -14.48
N PRO A 465 -22.11 -2.21 -13.69
CA PRO A 465 -22.30 -3.58 -14.14
C PRO A 465 -23.01 -3.69 -15.47
N ARG A 466 -23.85 -2.72 -15.78
CA ARG A 466 -24.60 -2.76 -17.04
C ARG A 466 -23.67 -2.62 -18.24
N SER A 467 -22.85 -1.58 -18.22
CA SER A 467 -21.94 -1.31 -19.32
C SER A 467 -20.61 -2.04 -19.29
N GLU A 468 -19.93 -2.07 -18.13
CA GLU A 468 -18.63 -2.74 -18.07
C GLU A 468 -18.55 -4.05 -17.30
N GLU A 469 -17.64 -4.92 -17.73
CA GLU A 469 -17.43 -6.21 -17.10
C GLU A 469 -16.60 -6.07 -15.83
N ILE A 470 -16.86 -6.93 -14.86
CA ILE A 470 -16.14 -6.89 -13.61
C ILE A 470 -14.82 -7.60 -13.76
N SER A 471 -13.72 -6.85 -13.69
CA SER A 471 -12.37 -7.41 -13.85
C SER A 471 -11.63 -7.55 -12.52
N LEU A 472 -10.76 -8.55 -12.43
CA LEU A 472 -10.02 -8.79 -11.20
C LEU A 472 -8.65 -9.44 -11.40
N ARG A 473 -7.60 -8.73 -11.01
CA ARG A 473 -6.25 -9.28 -11.14
C ARG A 473 -5.73 -9.62 -9.76
N ASN A 474 -4.96 -10.70 -9.69
CA ASN A 474 -4.41 -11.14 -8.42
C ASN A 474 -2.94 -11.48 -8.51
N LEU A 475 -2.19 -10.90 -7.58
CA LEU A 475 -0.78 -11.15 -7.48
C LEU A 475 -0.70 -12.13 -6.33
N ILE A 476 -0.43 -13.39 -6.64
CA ILE A 476 -0.33 -14.43 -5.62
C ILE A 476 1.13 -14.73 -5.31
N ASP A 477 1.51 -14.51 -4.06
CA ASP A 477 2.87 -14.77 -3.63
C ASP A 477 2.90 -15.39 -2.23
N HIS A 478 2.66 -16.69 -2.17
CA HIS A 478 2.69 -17.44 -0.93
C HIS A 478 1.87 -16.95 0.25
N SER A 479 2.32 -15.91 0.94
CA SER A 479 1.58 -15.42 2.10
C SER A 479 0.92 -14.07 1.94
N ILE A 480 0.99 -13.52 0.73
CA ILE A 480 0.36 -12.24 0.47
C ILE A 480 -0.39 -12.31 -0.84
N ILE A 481 -1.54 -11.67 -0.90
CA ILE A 481 -2.32 -11.65 -2.13
C ILE A 481 -2.82 -10.23 -2.29
N GLU A 482 -2.40 -9.60 -3.37
CA GLU A 482 -2.82 -8.22 -3.64
C GLU A 482 -3.93 -8.33 -4.69
N SER A 483 -5.15 -8.06 -4.26
CA SER A 483 -6.29 -8.18 -5.15
C SER A 483 -6.65 -6.85 -5.75
N PHE A 484 -6.55 -6.75 -7.08
CA PHE A 484 -6.87 -5.53 -7.79
C PHE A 484 -8.19 -5.65 -8.53
N GLY A 485 -9.18 -4.87 -8.11
CA GLY A 485 -10.46 -4.95 -8.76
C GLY A 485 -10.78 -3.79 -9.67
N ALA A 486 -11.42 -4.09 -10.78
CA ALA A 486 -11.84 -3.07 -11.74
C ALA A 486 -10.68 -2.21 -12.19
N GLY A 487 -9.58 -2.84 -12.53
CA GLY A 487 -8.44 -2.10 -13.02
C GLY A 487 -7.71 -1.24 -12.00
N GLY A 488 -7.94 -1.48 -10.72
CA GLY A 488 -7.26 -0.71 -9.70
C GLY A 488 -8.15 0.31 -9.05
N LYS A 489 -9.44 0.23 -9.32
CA LYS A 489 -10.37 1.17 -8.73
C LYS A 489 -10.66 0.77 -7.28
N THR A 490 -10.30 -0.46 -6.93
CA THR A 490 -10.56 -0.97 -5.60
C THR A 490 -9.55 -2.07 -5.34
N CYS A 491 -8.58 -1.80 -4.48
CA CYS A 491 -7.53 -2.77 -4.16
C CYS A 491 -7.64 -3.39 -2.76
N ILE A 492 -7.20 -4.65 -2.61
CA ILE A 492 -7.26 -5.36 -1.33
C ILE A 492 -6.11 -6.33 -1.12
N THR A 493 -5.22 -6.01 -0.19
CA THR A 493 -4.08 -6.88 0.13
C THR A 493 -4.42 -7.77 1.30
N SER A 494 -4.17 -9.07 1.17
CA SER A 494 -4.48 -9.99 2.25
C SER A 494 -3.31 -10.87 2.56
N ARG A 495 -3.13 -11.17 3.84
CA ARG A 495 -2.06 -12.06 4.28
C ARG A 495 -2.77 -13.34 4.73
N ILE A 496 -2.24 -14.49 4.29
CA ILE A 496 -2.84 -15.78 4.62
C ILE A 496 -1.75 -16.83 4.88
N TYR A 497 -2.04 -17.79 5.76
CA TYR A 497 -1.06 -18.83 6.10
C TYR A 497 -1.59 -20.26 6.14
N PRO A 498 -2.09 -20.77 5.01
CA PRO A 498 -2.60 -22.14 5.04
C PRO A 498 -1.54 -23.09 5.57
N LYS A 499 -1.98 -24.22 6.13
CA LYS A 499 -1.06 -25.19 6.68
C LYS A 499 -0.45 -26.07 5.61
N PHE A 500 -1.27 -26.47 4.65
CA PHE A 500 -0.85 -27.34 3.57
C PHE A 500 0.42 -26.94 2.83
N VAL A 501 0.71 -25.66 2.81
CA VAL A 501 1.88 -25.19 2.09
C VAL A 501 3.16 -25.78 2.64
N ASN A 502 3.05 -26.62 3.66
CA ASN A 502 4.24 -27.25 4.23
C ASN A 502 4.53 -28.55 3.51
N ASN A 503 3.49 -29.26 3.11
CA ASN A 503 3.65 -30.53 2.42
C ASN A 503 3.22 -30.52 0.96
N GLU A 504 1.93 -30.28 0.73
CA GLU A 504 1.42 -30.27 -0.63
C GLU A 504 1.55 -28.95 -1.38
N GLU A 505 1.34 -29.01 -2.69
CA GLU A 505 1.45 -27.84 -3.55
C GLU A 505 0.10 -27.13 -3.56
N ALA A 506 0.11 -25.85 -3.89
CA ALA A 506 -1.12 -25.05 -3.93
C ALA A 506 -1.93 -25.23 -5.20
N HIS A 507 -3.18 -24.82 -5.18
CA HIS A 507 -4.07 -24.95 -6.33
C HIS A 507 -4.78 -23.63 -6.65
N LEU A 508 -5.26 -23.52 -7.88
CA LEU A 508 -5.92 -22.30 -8.33
C LEU A 508 -7.26 -22.60 -8.99
N PHE A 509 -8.33 -21.97 -8.53
CA PHE A 509 -9.65 -22.20 -9.11
C PHE A 509 -10.41 -20.94 -9.37
N VAL A 510 -11.34 -21.02 -10.33
CA VAL A 510 -12.23 -19.92 -10.65
C VAL A 510 -13.55 -20.50 -10.19
N PHE A 511 -14.44 -19.71 -9.60
CA PHE A 511 -15.68 -20.29 -9.11
C PHE A 511 -16.89 -19.36 -9.09
N ASN A 512 -18.06 -19.99 -9.02
CA ASN A 512 -19.34 -19.30 -8.96
C ASN A 512 -20.21 -20.08 -7.97
N ASN A 513 -20.53 -19.47 -6.83
CA ASN A 513 -21.34 -20.15 -5.85
C ASN A 513 -22.73 -19.54 -5.79
N GLY A 514 -23.05 -18.66 -6.73
CA GLY A 514 -24.37 -18.05 -6.77
C GLY A 514 -25.43 -18.95 -7.39
N THR A 515 -26.62 -18.40 -7.67
CA THR A 515 -27.69 -19.18 -8.28
C THR A 515 -27.82 -18.78 -9.74
N GLN A 516 -27.22 -17.65 -10.10
CA GLN A 516 -27.27 -17.17 -11.47
C GLN A 516 -25.98 -17.47 -12.20
N ASN A 517 -26.11 -17.88 -13.45
CA ASN A 517 -24.98 -18.23 -14.28
C ASN A 517 -24.13 -16.99 -14.59
N VAL A 518 -22.81 -17.17 -14.66
CA VAL A 518 -21.90 -16.07 -15.01
C VAL A 518 -20.96 -16.65 -16.04
N LYS A 519 -20.35 -15.79 -16.86
CA LYS A 519 -19.42 -16.27 -17.89
C LYS A 519 -18.05 -15.63 -17.75
N ILE A 520 -17.01 -16.40 -18.07
CA ILE A 520 -15.67 -15.86 -18.01
C ILE A 520 -15.36 -15.31 -19.38
N SER A 521 -15.39 -13.99 -19.51
CA SER A 521 -15.09 -13.32 -20.75
C SER A 521 -13.66 -13.66 -21.20
N GLU A 522 -12.71 -13.55 -20.28
CA GLU A 522 -11.31 -13.88 -20.54
C GLU A 522 -10.58 -14.07 -19.20
N MET A 523 -9.68 -15.05 -19.17
CA MET A 523 -8.93 -15.36 -17.95
C MET A 523 -7.47 -15.59 -18.32
N SER A 524 -6.62 -14.60 -18.05
CA SER A 524 -5.18 -14.72 -18.34
C SER A 524 -4.41 -14.98 -17.05
N ALA A 525 -3.72 -16.11 -17.00
CA ALA A 525 -2.92 -16.47 -15.82
C ALA A 525 -1.47 -16.79 -16.19
N TRP A 526 -0.54 -16.19 -15.45
CA TRP A 526 0.89 -16.41 -15.70
C TRP A 526 1.58 -16.93 -14.46
N SER A 527 2.53 -17.83 -14.66
CA SER A 527 3.31 -18.36 -13.56
C SER A 527 4.39 -17.31 -13.37
N MET A 528 4.63 -16.88 -12.13
CA MET A 528 5.64 -15.87 -11.86
C MET A 528 6.94 -16.48 -11.30
N LYS A 529 8.08 -16.12 -11.89
CA LYS A 529 9.38 -16.63 -11.45
C LYS A 529 9.91 -15.75 -10.32
N ASN A 530 10.85 -16.26 -9.54
CA ASN A 530 11.38 -15.50 -8.42
C ASN A 530 12.10 -14.22 -8.80
N ALA A 531 12.10 -13.27 -7.88
CA ALA A 531 12.77 -12.00 -8.06
C ALA A 531 14.19 -12.21 -7.53
N LYS A 532 15.16 -11.60 -8.18
CA LYS A 532 16.56 -11.74 -7.78
C LYS A 532 16.92 -10.81 -6.62
N PHE A 533 17.46 -11.38 -5.55
CA PHE A 533 17.87 -10.62 -4.38
C PHE A 533 19.33 -10.85 -3.99
N VAL A 534 20.21 -10.03 -4.52
CA VAL A 534 21.64 -10.13 -4.25
C VAL A 534 22.01 -9.44 -2.94
N VAL A 535 23.07 -9.91 -2.30
CA VAL A 535 23.54 -9.32 -1.06
C VAL A 535 25.00 -8.87 -1.12
N ASP A 536 25.19 -7.58 -0.89
CA ASP A 536 26.49 -6.91 -0.90
C ASP A 536 26.55 -6.06 0.38
N GLN A 537 26.86 -6.68 1.52
CA GLN A 537 26.94 -5.99 2.80
C GLN A 537 28.35 -5.94 3.43
N SER A 538 28.66 -6.93 4.27
CA SER A 538 29.96 -7.02 4.95
C SER A 538 30.22 -5.78 5.80
C1 NAG B . -20.28 -22.36 -1.55
C2 NAG B . -19.01 -23.04 -1.04
C3 NAG B . -19.28 -24.40 -0.40
C4 NAG B . -20.50 -24.29 0.51
C5 NAG B . -21.72 -23.92 -0.31
C6 NAG B . -22.64 -22.96 0.42
C7 NAG B . -16.79 -23.09 -1.92
C8 NAG B . -15.95 -24.36 -2.09
N2 NAG B . -18.09 -23.20 -2.14
O3 NAG B . -18.14 -24.80 0.34
O4 NAG B . -20.77 -25.53 1.22
O5 NAG B . -21.36 -23.31 -1.59
O6 NAG B . -23.07 -23.54 1.65
O7 NAG B . -16.27 -22.03 -1.55
C1 NAG B . -19.83 -26.01 2.13
C2 NAG B . -19.54 -25.01 3.28
C3 NAG B . -20.41 -25.17 4.55
C4 NAG B . -20.92 -26.60 4.84
C5 NAG B . -21.26 -27.41 3.57
C6 NAG B . -22.58 -27.05 2.89
C7 NAG B . -17.57 -26.11 4.10
C8 NAG B . -16.94 -27.08 3.08
N2 NAG B . -18.14 -25.01 3.62
O3 NAG B . -21.51 -24.29 4.49
O4 NAG B . -19.99 -27.33 5.67
O5 NAG B . -20.19 -27.34 2.59
O6 NAG B . -22.85 -27.93 1.82
O7 NAG B . -17.53 -26.37 5.30
C1 MAN B . -20.52 -27.86 6.85
C2 MAN B . -20.57 -26.79 7.97
C3 MAN B . -19.15 -26.47 8.50
C4 MAN B . -18.47 -27.77 8.93
C5 MAN B . -18.42 -28.73 7.72
C6 MAN B . -17.73 -30.06 7.99
O2 MAN B . -21.40 -27.25 9.04
O3 MAN B . -19.22 -25.56 9.60
O4 MAN B . -17.16 -27.49 9.41
O5 MAN B . -19.77 -29.03 7.26
O6 MAN B . -16.47 -30.15 7.36
C1 NAG C . 33.03 6.39 -3.00
C2 NAG C . 34.07 5.49 -2.31
C3 NAG C . 35.02 4.87 -3.34
C4 NAG C . 34.21 4.15 -4.45
C5 NAG C . 33.15 5.10 -5.01
C6 NAG C . 32.23 4.44 -6.02
C7 NAG C . 34.65 6.08 -0.05
C8 NAG C . 34.57 7.33 0.81
N2 NAG C . 34.85 6.25 -1.35
O3 NAG C . 35.87 3.95 -2.68
O4 NAG C . 35.12 3.74 -5.52
O5 NAG C . 32.31 5.62 -3.95
O6 NAG C . 31.83 3.15 -5.58
O7 NAG C . 34.52 4.96 0.46
C1 NAG C . 35.28 2.38 -5.78
C2 NAG C . 36.02 2.23 -7.12
C3 NAG C . 36.33 0.76 -7.40
C4 NAG C . 37.11 0.16 -6.22
C5 NAG C . 36.35 0.40 -4.90
C6 NAG C . 37.19 -0.05 -3.70
C7 NAG C . 35.39 4.10 -8.50
C8 NAG C . 34.31 4.75 -9.36
N2 NAG C . 35.25 2.81 -8.20
O3 NAG C . 37.11 0.65 -8.59
O4 NAG C . 37.31 -1.25 -6.40
O5 NAG C . 36.07 1.82 -4.73
O6 NAG C . 36.70 0.50 -2.48
O7 NAG C . 36.34 4.78 -8.10
N1 DQQ D . 6.00 3.41 12.83
C1 DQQ D . 4.81 4.27 12.61
C2 DQQ D . 5.37 5.64 12.22
C3 DQQ D . 6.67 5.64 12.98
C4 DQQ D . 7.19 4.25 12.60
C5 DQQ D . 3.88 3.72 11.56
C6 DQQ D . 8.32 3.78 13.49
O1 DQQ D . 4.53 6.69 12.66
O2 DQQ D . 7.54 6.69 12.55
O3 DQQ D . 3.51 2.36 11.83
O4 DQQ D . 8.73 2.48 13.08
#